data_1EGW
#
_entry.id   1EGW
#
_cell.length_a   41.371
_cell.length_b   60.696
_cell.length_c   63.987
_cell.angle_alpha   115.18
_cell.angle_beta   89.99
_cell.angle_gamma   90.00
#
_symmetry.space_group_name_H-M   'P 1'
#
loop_
_entity.id
_entity.type
_entity.pdbx_description
1 polymer "DNA (5'-D(*AP*AP*AP*GP*CP*TP*AP*TP*TP*AP*TP*TP*AP*GP*CP*TP*T)-3')"
2 polymer "DNA (5'-D(*TP*AP*AP*GP*CP*TP*AP*AP*TP*AP*AP*TP*AP*GP*CP*TP*T)-3')"
3 polymer 'MADS BOX TRANSCRIPTION ENHANCER FACTOR 2, POLYPEPTIDE A'
4 water water
#
loop_
_entity_poly.entity_id
_entity_poly.type
_entity_poly.pdbx_seq_one_letter_code
_entity_poly.pdbx_strand_id
1 'polydeoxyribonucleotide' (DA)(DA)(DA)(DG)(DC)(DT)(DA)(DT)(DT)(DA)(DT)(DT)(DA)(DG)(DC)(DT)(DT) E,H
2 'polydeoxyribonucleotide' (DT)(DA)(DA)(DG)(DC)(DT)(DA)(DA)(DT)(DA)(DA)(DT)(DA)(DG)(DC)(DT)(DT) F,G
3 'polypeptide(L)' GRKKIQITRIMDERNRQVTFTKRKFGLMKKAYELSVLCDCEIALIIFNSSNKLFQYASTDMDKVLLKYTEYNEPHES A,B,C,D
#
loop_
_chem_comp.id
_chem_comp.type
_chem_comp.name
_chem_comp.formula
DA DNA linking 2'-DEOXYADENOSINE-5'-MONOPHOSPHATE 'C10 H14 N5 O6 P'
DC DNA linking 2'-DEOXYCYTIDINE-5'-MONOPHOSPHATE 'C9 H14 N3 O7 P'
DG DNA linking 2'-DEOXYGUANOSINE-5'-MONOPHOSPHATE 'C10 H14 N5 O7 P'
DT DNA linking THYMIDINE-5'-MONOPHOSPHATE 'C10 H15 N2 O8 P'
#
# COMPACT_ATOMS: atom_id res chain seq x y z
N GLY E 1 12.55 -1.75 18.87
CA GLY E 1 12.29 -1.20 20.25
C GLY E 1 11.69 -2.27 21.15
N ARG E 2 11.50 -1.94 22.42
CA ARG E 2 10.95 -2.92 23.35
C ARG E 2 9.56 -3.36 22.90
N LYS E 3 8.82 -2.45 22.28
CA LYS E 3 7.49 -2.73 21.76
C LYS E 3 7.34 -2.05 20.42
N LYS E 4 6.52 -2.61 19.55
CA LYS E 4 6.27 -1.99 18.27
C LYS E 4 5.35 -0.78 18.50
N ILE E 5 5.58 0.32 17.79
CA ILE E 5 4.70 1.45 17.95
C ILE E 5 3.97 1.77 16.65
N GLN E 6 2.85 2.46 16.77
CA GLN E 6 2.11 2.84 15.60
C GLN E 6 2.65 4.21 15.28
N ILE E 7 2.56 4.59 14.01
CA ILE E 7 3.03 5.87 13.57
C ILE E 7 1.88 6.88 13.60
N THR E 8 1.78 7.56 14.74
N THR E 8 1.90 7.44 14.83
CA THR E 8 0.79 8.58 14.93
CA THR E 8 0.83 8.36 15.31
C THR E 8 1.40 9.50 15.99
C THR E 8 1.40 9.49 16.16
N ARG E 9 0.95 10.74 16.02
CA ARG E 9 1.49 11.73 16.94
C ARG E 9 1.62 11.29 18.40
N ILE E 10 2.80 11.49 18.97
CA ILE E 10 3.04 11.14 20.37
C ILE E 10 2.40 12.29 21.16
N MET E 11 1.49 11.99 22.07
CA MET E 11 0.78 13.05 22.78
C MET E 11 1.48 13.72 23.98
N ASP E 12 2.42 13.01 24.60
CA ASP E 12 3.21 13.47 25.75
C ASP E 12 4.46 14.25 25.29
N GLU E 13 4.57 15.51 25.67
CA GLU E 13 5.71 16.35 25.27
C GLU E 13 7.07 15.72 25.59
N ARG E 14 7.23 15.15 26.79
N ARG E 14 7.19 15.15 26.78
CA ARG E 14 8.53 14.58 27.14
CA ARG E 14 8.54 14.67 27.04
C ARG E 14 8.95 13.42 26.22
C ARG E 14 8.91 13.45 26.22
N ASN E 15 8.06 12.45 26.01
CA ASN E 15 8.40 11.33 25.11
C ASN E 15 8.53 11.85 23.69
N ARG E 16 7.72 12.83 23.34
CA ARG E 16 7.78 13.36 21.99
C ARG E 16 9.16 14.00 21.71
N GLN E 17 9.68 14.73 22.69
CA GLN E 17 10.97 15.41 22.58
C GLN E 17 12.13 14.39 22.59
N VAL E 18 12.08 13.40 23.47
CA VAL E 18 13.13 12.40 23.48
C VAL E 18 13.12 11.64 22.15
N THR E 19 11.94 11.28 21.65
CA THR E 19 11.88 10.60 20.35
C THR E 19 12.38 11.48 19.21
N PHE E 20 12.05 12.77 19.28
CA PHE E 20 12.48 13.67 18.24
C PHE E 20 14.00 13.74 18.17
N THR E 21 14.66 13.92 19.31
CA THR E 21 16.11 14.05 19.31
C THR E 21 16.72 12.77 18.78
N LYS E 22 16.28 11.62 19.25
CA LYS E 22 16.92 10.39 18.78
C LYS E 22 16.64 10.07 17.33
N ARG E 23 15.38 10.14 16.90
CA ARG E 23 15.06 9.88 15.49
C ARG E 23 15.64 10.93 14.56
N LYS E 24 15.79 12.17 15.00
CA LYS E 24 16.37 13.21 14.12
C LYS E 24 17.84 12.84 13.89
N PHE E 25 18.52 12.35 14.94
CA PHE E 25 19.92 11.95 14.79
C PHE E 25 19.96 10.78 13.80
N GLY E 26 19.09 9.79 13.97
CA GLY E 26 19.08 8.65 13.07
C GLY E 26 18.76 9.00 11.62
N LEU E 27 17.88 9.98 11.42
CA LEU E 27 17.51 10.41 10.08
C LEU E 27 18.67 11.14 9.41
N MET E 28 19.37 12.01 10.16
CA MET E 28 20.52 12.72 9.57
C MET E 28 21.64 11.73 9.29
N LYS E 29 21.76 10.69 10.13
CA LYS E 29 22.80 9.68 9.90
CA LYS E 29 22.83 9.69 9.89
C LYS E 29 22.52 8.96 8.57
C LYS E 29 22.50 8.92 8.58
N LYS E 30 21.28 8.56 8.34
N LYS E 30 21.28 8.51 8.33
CA LYS E 30 20.95 7.90 7.08
CA LYS E 30 20.86 7.84 7.09
C LYS E 30 21.04 8.84 5.86
C LYS E 30 21.08 8.75 5.89
N ALA E 31 20.83 10.14 6.05
CA ALA E 31 20.98 11.07 4.91
C ALA E 31 22.44 11.19 4.60
N TYR E 32 23.26 11.31 5.64
CA TYR E 32 24.70 11.38 5.43
C TYR E 32 25.18 10.11 4.69
N GLU E 33 24.78 8.94 5.15
CA GLU E 33 25.27 7.72 4.53
C GLU E 33 24.82 7.61 3.09
N LEU E 34 23.59 8.02 2.79
CA LEU E 34 23.12 7.91 1.42
C LEU E 34 23.95 8.82 0.55
N SER E 35 24.26 10.00 1.08
CA SER E 35 25.03 10.97 0.29
C SER E 35 26.41 10.43 -0.06
N VAL E 36 27.05 9.72 0.87
CA VAL E 36 28.39 9.16 0.62
C VAL E 36 28.33 7.91 -0.24
N LEU E 37 27.54 6.93 0.19
CA LEU E 37 27.46 5.69 -0.55
C LEU E 37 27.08 5.84 -2.00
N CYS E 38 26.12 6.72 -2.25
CA CYS E 38 25.56 6.83 -3.60
C CYS E 38 25.89 8.13 -4.32
N ASP E 39 26.81 8.90 -3.76
CA ASP E 39 27.24 10.14 -4.40
C ASP E 39 26.06 11.02 -4.84
C ASP E 39 26.08 11.04 -4.71
N CYS E 40 25.16 11.31 -3.91
N CYS E 40 25.30 11.34 -3.68
CA CYS E 40 24.04 12.16 -4.25
CA CYS E 40 24.12 12.20 -3.79
C CYS E 40 24.14 13.39 -3.38
C CYS E 40 24.30 13.50 -3.05
N GLU E 41 23.43 14.44 -3.76
N GLU E 41 23.56 14.49 -3.50
CA GLU E 41 23.39 15.73 -3.08
CA GLU E 41 23.54 15.79 -2.86
C GLU E 41 22.09 15.79 -2.27
C GLU E 41 22.16 15.85 -2.19
N ILE E 42 22.18 16.07 -0.98
N ILE E 42 22.18 16.03 -0.87
CA ILE E 42 20.98 16.04 -0.14
C ILE E 42 20.81 17.21 0.79
N ALA E 43 19.58 17.71 0.86
CA ALA E 43 19.27 18.75 1.82
C ALA E 43 18.10 18.24 2.65
N LEU E 44 18.18 18.47 3.96
CA LEU E 44 17.16 18.05 4.90
C LEU E 44 16.87 19.23 5.82
N ILE E 45 15.63 19.66 5.86
CA ILE E 45 15.22 20.81 6.66
C ILE E 45 14.10 20.33 7.55
N ILE E 46 14.26 20.57 8.85
CA ILE E 46 13.31 20.13 9.84
C ILE E 46 12.89 21.24 10.81
N PHE E 47 11.59 21.43 10.98
CA PHE E 47 11.10 22.40 11.96
C PHE E 47 10.38 21.54 13.00
N ASN E 48 10.76 21.63 14.27
CA ASN E 48 10.09 20.81 15.29
C ASN E 48 8.75 21.43 15.71
N SER E 49 8.01 20.76 16.60
CA SER E 49 6.70 21.26 17.00
C SER E 49 6.77 22.65 17.64
N SER E 50 7.89 22.95 18.31
CA SER E 50 8.04 24.26 18.94
C SER E 50 8.56 25.24 17.90
N ASN E 51 8.62 24.79 16.65
CA ASN E 51 9.08 25.58 15.53
C ASN E 51 10.58 25.92 15.44
N LYS E 52 11.41 25.12 16.09
CA LYS E 52 12.85 25.34 16.00
C LYS E 52 13.37 24.65 14.74
N LEU E 53 14.34 25.25 14.08
CA LEU E 53 14.91 24.73 12.85
C LEU E 53 16.17 23.89 13.05
N PHE E 54 16.22 22.78 12.32
CA PHE E 54 17.36 21.86 12.30
C PHE E 54 17.56 21.52 10.84
N GLN E 55 18.80 21.40 10.42
CA GLN E 55 19.07 21.13 9.03
C GLN E 55 20.33 20.35 8.84
N TYR E 56 20.39 19.71 7.69
CA TYR E 56 21.53 18.95 7.27
C TYR E 56 21.64 19.12 5.77
N ALA E 57 22.85 19.27 5.25
CA ALA E 57 23.07 19.31 3.83
C ALA E 57 24.42 18.64 3.60
N SER E 58 24.55 17.91 2.48
CA SER E 58 25.78 17.21 2.15
C SER E 58 26.78 18.15 1.47
N THR E 59 26.29 19.30 1.06
CA THR E 59 27.14 20.32 0.43
C THR E 59 26.52 21.61 0.95
N ASP E 60 26.97 22.75 0.46
CA ASP E 60 26.38 24.00 0.93
C ASP E 60 24.87 23.93 0.65
N MET E 61 24.08 24.24 1.66
CA MET E 61 22.63 24.23 1.51
C MET E 61 22.21 25.10 0.32
N ASP E 62 22.92 26.22 0.15
CA ASP E 62 22.61 27.13 -0.95
C ASP E 62 22.71 26.48 -2.31
N LYS E 63 23.75 25.67 -2.50
CA LYS E 63 23.91 24.98 -3.78
C LYS E 63 22.75 24.01 -4.03
N VAL E 64 22.35 23.24 -3.01
CA VAL E 64 21.25 22.30 -3.22
C VAL E 64 19.91 22.97 -3.51
N LEU E 65 19.58 23.99 -2.72
CA LEU E 65 18.31 24.67 -2.93
C LEU E 65 18.26 25.42 -4.26
N LEU E 66 19.43 25.85 -4.75
CA LEU E 66 19.50 26.55 -6.03
C LEU E 66 19.23 25.51 -7.12
N LYS E 67 19.85 24.33 -6.99
CA LYS E 67 19.62 23.26 -7.93
C LYS E 67 18.13 22.95 -7.97
N TYR E 68 17.50 22.93 -6.79
CA TYR E 68 16.08 22.61 -6.70
C TYR E 68 15.20 23.62 -7.44
N THR E 69 15.41 24.90 -7.14
CA THR E 69 14.62 25.94 -7.77
C THR E 69 14.85 26.03 -9.27
N GLU E 70 16.10 25.84 -9.70
CA GLU E 70 16.44 25.91 -11.12
C GLU E 70 16.12 24.64 -11.87
N TYR E 71 15.68 23.62 -11.14
CA TYR E 71 15.37 22.33 -11.77
C TYR E 71 14.33 22.49 -12.87
N GLY F 1 22.79 -6.04 7.38
CA GLY F 1 22.94 -6.66 6.03
C GLY F 1 23.80 -7.91 6.16
N ARG F 2 24.03 -8.63 5.06
CA ARG F 2 24.83 -9.86 5.14
C ARG F 2 26.23 -9.60 5.65
N LYS F 3 26.78 -8.45 5.32
CA LYS F 3 28.10 -8.05 5.77
C LYS F 3 28.05 -6.57 6.10
N LYS F 4 28.86 -6.14 7.06
CA LYS F 4 28.87 -4.73 7.39
C LYS F 4 29.58 -4.01 6.26
N ILE F 5 29.17 -2.79 5.95
CA ILE F 5 29.83 -2.06 4.91
C ILE F 5 30.41 -0.76 5.44
N GLN F 6 31.43 -0.27 4.77
CA GLN F 6 32.01 0.98 5.17
C GLN F 6 31.23 2.01 4.41
N ILE F 7 31.15 3.19 5.00
CA ILE F 7 30.45 4.29 4.38
C ILE F 7 31.40 5.10 3.51
N THR F 8 31.48 4.69 2.26
N THR F 8 31.48 4.52 2.31
CA THR F 8 32.28 5.40 1.27
CA THR F 8 32.39 4.92 1.21
C THR F 8 31.61 5.07 -0.04
C THR F 8 31.63 4.95 -0.11
N ARG F 9 31.91 5.88 -1.05
CA ARG F 9 31.26 5.73 -2.35
C ARG F 9 31.35 4.36 -2.98
N ILE F 10 30.19 3.83 -3.37
CA ILE F 10 30.10 2.54 -4.04
C ILE F 10 30.60 2.83 -5.47
N MET F 11 31.63 2.13 -5.93
CA MET F 11 32.19 2.45 -7.25
C MET F 11 31.49 1.83 -8.48
N ASP F 12 30.73 0.76 -8.27
CA ASP F 12 29.98 0.05 -9.30
C ASP F 12 28.60 0.68 -9.51
N GLU F 13 28.29 1.11 -10.73
CA GLU F 13 27.02 1.76 -10.98
C GLU F 13 25.80 0.95 -10.60
N ARG F 14 25.78 -0.33 -10.96
CA ARG F 14 24.61 -1.13 -10.65
CA ARG F 14 24.59 -1.15 -10.69
C ARG F 14 24.36 -1.31 -9.16
N ASN F 15 25.39 -1.66 -8.38
CA ASN F 15 25.15 -1.77 -6.92
C ASN F 15 24.86 -0.39 -6.36
N ARG F 16 25.47 0.66 -6.91
CA ARG F 16 25.23 2.00 -6.37
C ARG F 16 23.75 2.36 -6.55
N GLN F 17 23.19 2.01 -7.70
CA GLN F 17 21.81 2.31 -8.02
C GLN F 17 20.83 1.48 -7.20
N VAL F 18 21.13 0.22 -7.01
CA VAL F 18 20.24 -0.61 -6.20
C VAL F 18 20.27 -0.06 -4.78
N THR F 19 21.45 0.25 -4.25
CA THR F 19 21.53 0.82 -2.91
C THR F 19 20.80 2.15 -2.79
N PHE F 20 20.90 2.99 -3.80
CA PHE F 20 20.25 4.27 -3.79
C PHE F 20 18.74 4.08 -3.67
N THR F 21 18.17 3.21 -4.51
CA THR F 21 16.75 3.01 -4.51
C THR F 21 16.27 2.50 -3.14
N LYS F 22 16.96 1.52 -2.60
CA LYS F 22 16.54 0.96 -1.30
C LYS F 22 16.71 1.98 -0.17
N ARG F 23 17.89 2.59 -0.06
CA ARG F 23 18.12 3.55 1.02
C ARG F 23 17.32 4.85 0.88
N LYS F 24 16.99 5.29 -0.33
CA LYS F 24 16.19 6.49 -0.48
C LYS F 24 14.80 6.20 0.05
N PHE F 25 14.30 4.99 -0.23
CA PHE F 25 12.98 4.60 0.28
C PHE F 25 13.06 4.63 1.83
N GLY F 26 14.11 4.04 2.38
CA GLY F 26 14.24 3.97 3.84
C GLY F 26 14.34 5.34 4.48
N LEU F 27 15.08 6.23 3.81
CA LEU F 27 15.26 7.54 4.35
C LEU F 27 13.95 8.34 4.32
N MET F 28 13.17 8.21 3.24
CA MET F 28 11.88 8.94 3.15
C MET F 28 10.91 8.34 4.18
N LYS F 29 10.99 7.02 4.41
CA LYS F 29 10.10 6.40 5.40
CA LYS F 29 10.12 6.40 5.44
C LYS F 29 10.42 6.97 6.79
C LYS F 29 10.42 7.01 6.81
N LYS F 30 11.68 7.08 7.14
N LYS F 30 11.75 7.04 7.20
CA LYS F 30 12.03 7.64 8.44
CA LYS F 30 12.12 7.62 8.50
C LYS F 30 11.67 9.11 8.54
C LYS F 30 11.63 9.05 8.56
N ALA F 31 11.75 9.88 7.45
CA ALA F 31 11.38 11.29 7.49
C ALA F 31 9.90 11.41 7.71
N TYR F 32 9.14 10.62 6.98
CA TYR F 32 7.70 10.59 7.17
C TYR F 32 7.33 10.25 8.62
N GLU F 33 7.96 9.22 9.19
CA GLU F 33 7.64 8.82 10.55
C GLU F 33 7.99 9.89 11.56
N LEU F 34 9.13 10.54 11.37
CA LEU F 34 9.50 11.60 12.30
C LEU F 34 8.47 12.73 12.23
N SER F 35 8.04 13.06 11.01
CA SER F 35 7.06 14.14 10.87
C SER F 35 5.77 13.84 11.62
N VAL F 36 5.32 12.58 11.58
CA VAL F 36 4.07 12.21 12.23
C VAL F 36 4.21 12.01 13.74
N LEU F 37 5.19 11.20 14.14
CA LEU F 37 5.40 10.97 15.56
C LEU F 37 5.65 12.24 16.36
N CYS F 38 6.45 13.13 15.81
CA CYS F 38 6.86 14.31 16.55
C CYS F 38 6.27 15.62 16.09
N ASP F 39 5.27 15.54 15.22
CA ASP F 39 4.58 16.74 14.75
C ASP F 39 5.57 17.79 14.26
C ASP F 39 5.59 17.77 14.24
N CYS F 40 6.34 17.43 13.26
N CYS F 40 6.41 17.34 13.28
CA CYS F 40 7.29 18.38 12.73
CA CYS F 40 7.42 18.17 12.65
C CYS F 40 7.23 18.48 11.21
C CYS F 40 7.06 18.42 11.21
N GLU F 41 7.57 19.65 10.71
N GLU F 41 7.63 19.49 10.66
CA GLU F 41 7.55 19.92 9.27
CA GLU F 41 7.44 19.83 9.25
C GLU F 41 8.91 19.60 8.69
C GLU F 41 8.81 19.55 8.65
N ILE F 42 8.92 18.79 7.64
N ILE F 42 8.86 18.68 7.64
CA ILE F 42 10.17 18.35 7.06
C ILE F 42 10.20 18.42 5.56
N ALA F 43 11.34 18.83 5.05
CA ALA F 43 11.55 18.81 3.64
C ALA F 43 12.86 18.04 3.38
N LEU F 44 12.83 17.20 2.36
CA LEU F 44 13.97 16.42 1.97
C LEU F 44 14.13 16.49 0.45
N ILE F 45 15.29 16.94 0.00
CA ILE F 45 15.59 17.08 -1.41
C ILE F 45 16.82 16.26 -1.72
N ILE F 46 16.74 15.39 -2.72
CA ILE F 46 17.83 14.51 -3.07
C ILE F 46 18.13 14.53 -4.56
N PHE F 47 19.39 14.76 -4.93
CA PHE F 47 19.77 14.69 -6.34
C PHE F 47 20.68 13.47 -6.45
N ASN F 48 20.37 12.52 -7.34
CA ASN F 48 21.26 11.37 -7.43
C ASN F 48 22.50 11.74 -8.24
N SER F 49 23.39 10.78 -8.45
CA SER F 49 24.64 11.02 -9.19
C SER F 49 24.38 11.37 -10.64
N SER F 50 23.30 10.84 -11.20
CA SER F 50 22.95 11.12 -12.59
C SER F 50 22.23 12.47 -12.62
N ASN F 51 22.13 13.09 -11.44
CA ASN F 51 21.50 14.38 -11.25
C ASN F 51 19.97 14.50 -11.27
N LYS F 52 19.27 13.38 -11.11
CA LYS F 52 17.81 13.44 -11.09
C LYS F 52 17.31 13.83 -9.69
N LEU F 53 16.19 14.56 -9.65
CA LEU F 53 15.62 15.05 -8.40
C LEU F 53 14.56 14.14 -7.79
N PHE F 54 14.68 13.92 -6.49
CA PHE F 54 13.70 13.15 -5.73
C PHE F 54 13.40 13.99 -4.51
N GLN F 55 12.17 13.99 -4.04
CA GLN F 55 11.85 14.84 -2.92
C GLN F 55 10.72 14.29 -2.06
N TYR F 56 10.69 14.76 -0.83
CA TYR F 56 9.65 14.41 0.14
C TYR F 56 9.42 15.67 0.98
N ALA F 57 8.16 15.96 1.27
CA ALA F 57 7.85 17.05 2.18
C ALA F 57 6.60 16.63 2.92
N SER F 58 6.54 16.98 4.20
CA SER F 58 5.40 16.61 5.05
C SER F 58 4.19 17.49 4.74
N THR F 59 4.43 18.55 3.99
CA THR F 59 3.38 19.48 3.58
C THR F 59 3.82 19.92 2.18
N ASP F 60 3.32 21.05 1.68
CA ASP F 60 3.75 21.51 0.37
C ASP F 60 5.22 21.91 0.50
N MET F 61 6.06 21.44 -0.41
CA MET F 61 7.49 21.77 -0.38
C MET F 61 7.74 23.27 -0.39
N ASP F 62 7.10 23.97 -1.32
CA ASP F 62 7.32 25.41 -1.40
C ASP F 62 7.03 26.11 -0.07
N LYS F 63 6.07 25.60 0.70
CA LYS F 63 5.76 26.20 1.99
C LYS F 63 6.91 26.02 2.96
N VAL F 64 7.42 24.79 3.07
CA VAL F 64 8.53 24.55 3.99
C VAL F 64 9.74 25.40 3.63
N LEU F 65 10.04 25.50 2.33
CA LEU F 65 11.18 26.30 1.90
C LEU F 65 10.93 27.78 2.21
N LEU F 66 9.67 28.20 2.14
CA LEU F 66 9.29 29.58 2.44
C LEU F 66 9.63 29.81 3.91
N LYS F 67 9.24 28.86 4.77
CA LYS F 67 9.54 28.95 6.20
C LYS F 67 11.04 29.02 6.40
N TYR F 68 11.78 28.22 5.65
CA TYR F 68 13.22 28.19 5.77
C TYR F 68 13.83 29.55 5.49
N THR F 69 13.61 30.04 4.28
CA THR F 69 14.15 31.33 3.87
C THR F 69 13.77 32.47 4.82
N GLU F 70 12.51 32.51 5.25
CA GLU F 70 12.05 33.56 6.14
C GLU F 70 12.73 33.43 7.51
N TYR F 71 12.77 32.22 8.03
CA TYR F 71 13.40 31.96 9.33
C TYR F 71 14.80 32.55 9.35
N ASN F 72 15.49 32.41 8.23
CA ASN F 72 16.87 32.88 8.05
C ASN F 72 17.00 34.39 7.88
N GLY G 1 -9.70 4.39 -13.76
CA GLY G 1 -8.38 4.82 -13.18
C GLY G 1 -7.77 5.89 -14.07
N ARG G 2 -6.62 6.42 -13.66
CA ARG G 2 -5.97 7.47 -14.45
C ARG G 2 -5.59 6.98 -15.85
N LYS G 3 -5.26 5.70 -15.97
CA LYS G 3 -4.93 5.09 -17.25
C LYS G 3 -5.54 3.68 -17.25
N LYS G 4 -5.88 3.20 -18.44
CA LYS G 4 -6.43 1.85 -18.51
C LYS G 4 -5.28 0.88 -18.30
N ILE G 5 -5.56 -0.25 -17.67
CA ILE G 5 -4.50 -1.23 -17.50
C ILE G 5 -4.86 -2.54 -18.16
N GLN G 6 -3.83 -3.29 -18.50
CA GLN G 6 -4.01 -4.57 -19.11
C GLN G 6 -4.10 -5.49 -17.91
N ILE G 7 -4.84 -6.57 -18.08
CA ILE G 7 -4.99 -7.53 -17.02
C ILE G 7 -3.91 -8.61 -17.17
N THR G 8 -2.78 -8.34 -16.53
N THR G 8 -2.79 -8.19 -16.58
CA THR G 8 -1.69 -9.28 -16.50
CA THR G 8 -1.45 -8.84 -16.64
C THR G 8 -0.95 -8.97 -15.21
C THR G 8 -0.83 -8.91 -15.24
N ARG G 9 -0.20 -9.96 -14.73
CA ARG G 9 0.50 -9.84 -13.45
C ARG G 9 1.33 -8.58 -13.25
N ILE G 10 1.07 -7.87 -12.14
CA ILE G 10 1.80 -6.65 -11.80
C ILE G 10 3.16 -7.16 -11.30
N MET G 11 4.27 -6.72 -11.90
CA MET G 11 5.56 -7.26 -11.53
C MET G 11 6.26 -6.67 -10.30
N ASP G 12 5.85 -5.47 -9.90
CA ASP G 12 6.39 -4.74 -8.73
C ASP G 12 5.59 -5.10 -7.47
N GLU G 13 6.26 -5.61 -6.44
CA GLU G 13 5.59 -6.02 -5.22
C GLU G 13 4.77 -4.92 -4.57
N ARG G 14 5.32 -3.70 -4.49
CA ARG G 14 4.58 -2.63 -3.85
CA ARG G 14 4.55 -2.64 -3.82
C ARG G 14 3.27 -2.28 -4.55
N ASN G 15 3.31 -2.03 -5.86
CA ASN G 15 2.06 -1.75 -6.56
C ASN G 15 1.16 -2.97 -6.54
N ARG G 16 1.74 -4.16 -6.60
CA ARG G 16 0.91 -5.35 -6.59
C ARG G 16 0.13 -5.44 -5.28
N GLN G 17 0.78 -5.13 -4.15
CA GLN G 17 0.16 -5.20 -2.84
C GLN G 17 -0.89 -4.11 -2.63
N VAL G 18 -0.62 -2.90 -3.09
CA VAL G 18 -1.59 -1.83 -2.97
C VAL G 18 -2.82 -2.22 -3.79
N THR G 19 -2.61 -2.67 -5.02
CA THR G 19 -3.72 -3.09 -5.88
C THR G 19 -4.49 -4.25 -5.24
N PHE G 20 -3.79 -5.20 -4.63
CA PHE G 20 -4.45 -6.31 -4.00
C PHE G 20 -5.37 -5.82 -2.89
N THR G 21 -4.86 -5.00 -1.98
CA THR G 21 -5.68 -4.52 -0.88
C THR G 21 -6.93 -3.78 -1.40
N LYS G 22 -6.76 -2.87 -2.35
CA LYS G 22 -7.90 -2.12 -2.89
C LYS G 22 -8.89 -2.99 -3.62
N ARG G 23 -8.42 -3.80 -4.57
CA ARG G 23 -9.35 -4.67 -5.32
C ARG G 23 -9.99 -5.78 -4.48
N LYS G 24 -9.30 -6.28 -3.45
CA LYS G 24 -9.89 -7.32 -2.62
C LYS G 24 -11.07 -6.68 -1.86
N PHE G 25 -10.86 -5.44 -1.40
CA PHE G 25 -11.98 -4.74 -0.73
C PHE G 25 -13.16 -4.61 -1.72
N GLY G 26 -12.87 -4.18 -2.95
CA GLY G 26 -13.92 -3.99 -3.93
C GLY G 26 -14.65 -5.29 -4.26
N LEU G 27 -13.88 -6.37 -4.35
CA LEU G 27 -14.47 -7.63 -4.68
C LEU G 27 -15.38 -8.15 -3.55
N MET G 28 -14.94 -8.00 -2.30
CA MET G 28 -15.78 -8.44 -1.17
C MET G 28 -17.03 -7.55 -1.08
N LYS G 29 -16.88 -6.28 -1.43
CA LYS G 29 -18.03 -5.36 -1.42
CA LYS G 29 -18.07 -5.37 -1.41
C LYS G 29 -19.07 -5.85 -2.44
C LYS G 29 -19.09 -5.83 -2.46
N LYS G 30 -18.64 -6.14 -3.67
N LYS G 30 -18.63 -6.13 -3.67
CA LYS G 30 -19.59 -6.65 -4.64
CA LYS G 30 -19.54 -6.63 -4.71
C LYS G 30 -20.19 -8.00 -4.27
C LYS G 30 -20.18 -7.94 -4.27
N ALA G 31 -19.43 -8.85 -3.58
CA ALA G 31 -19.97 -10.16 -3.16
C ALA G 31 -21.04 -9.93 -2.12
N TYR G 32 -20.76 -9.08 -1.17
CA TYR G 32 -21.74 -8.75 -0.15
C TYR G 32 -23.01 -8.21 -0.81
N GLU G 33 -22.87 -7.28 -1.76
CA GLU G 33 -24.05 -6.70 -2.37
C GLU G 33 -24.88 -7.70 -3.15
N LEU G 34 -24.20 -8.61 -3.86
CA LEU G 34 -24.93 -9.59 -4.64
C LEU G 34 -25.70 -10.49 -3.66
N SER G 35 -25.06 -10.82 -2.55
CA SER G 35 -25.72 -11.71 -1.59
C SER G 35 -27.01 -11.08 -1.07
N VAL G 36 -27.00 -9.78 -0.79
CA VAL G 36 -28.19 -9.09 -0.27
C VAL G 36 -29.22 -8.77 -1.33
N LEU G 37 -28.79 -8.18 -2.44
CA LEU G 37 -29.74 -7.84 -3.48
C LEU G 37 -30.49 -9.02 -4.04
N CYS G 38 -29.76 -10.12 -4.22
CA CYS G 38 -30.35 -11.26 -4.89
C CYS G 38 -30.61 -12.47 -4.03
N ASP G 39 -30.47 -12.29 -2.71
CA ASP G 39 -30.74 -13.35 -1.75
C ASP G 39 -30.03 -14.64 -2.14
C ASP G 39 -29.96 -14.58 -2.12
N CYS G 40 -28.71 -14.58 -2.26
N CYS G 40 -28.63 -14.43 -2.21
CA CYS G 40 -27.98 -15.79 -2.60
CA CYS G 40 -27.72 -15.52 -2.54
C CYS G 40 -26.91 -16.04 -1.55
C CYS G 40 -26.81 -15.87 -1.39
N GLU G 41 -26.43 -17.28 -1.47
N GLU G 41 -26.35 -17.11 -1.38
CA GLU G 41 -25.40 -17.67 -0.50
CA GLU G 41 -25.41 -17.55 -0.36
C GLU G 41 -24.05 -17.65 -1.20
C GLU G 41 -24.06 -17.61 -1.10
N ILE G 42 -23.08 -16.95 -0.63
N ILE G 42 -23.09 -16.85 -0.60
CA ILE G 42 -21.80 -16.80 -1.28
C ILE G 42 -20.62 -17.06 -0.39
N ALA G 43 -19.62 -17.77 -0.93
CA ALA G 43 -18.39 -17.94 -0.25
C ALA G 43 -17.26 -17.46 -1.19
N LEU G 44 -16.30 -16.75 -0.63
CA LEU G 44 -15.16 -16.25 -1.36
C LEU G 44 -13.90 -16.51 -0.57
N ILE G 45 -12.98 -17.25 -1.17
CA ILE G 45 -11.73 -17.61 -0.55
C ILE G 45 -10.59 -17.09 -1.40
N ILE G 46 -9.69 -16.34 -0.80
CA ILE G 46 -8.57 -15.73 -1.51
C ILE G 46 -7.24 -16.00 -0.83
N PHE G 47 -6.26 -16.47 -1.58
CA PHE G 47 -4.93 -16.64 -1.02
C PHE G 47 -4.06 -15.66 -1.79
N ASN G 48 -3.34 -14.77 -1.11
CA ASN G 48 -2.49 -13.84 -1.84
C ASN G 48 -1.24 -14.59 -2.27
N SER G 49 -0.34 -13.91 -2.97
CA SER G 49 0.88 -14.57 -3.44
C SER G 49 1.76 -15.00 -2.28
N SER G 50 1.78 -14.23 -1.20
CA SER G 50 2.56 -14.60 -0.03
C SER G 50 1.86 -15.77 0.66
N ASN G 51 0.73 -16.19 0.09
CA ASN G 51 -0.04 -17.32 0.61
C ASN G 51 -0.94 -17.09 1.84
N LYS G 52 -1.19 -15.83 2.19
CA LYS G 52 -2.05 -15.53 3.32
C LYS G 52 -3.51 -15.67 2.86
N LEU G 53 -4.37 -16.11 3.77
CA LEU G 53 -5.77 -16.33 3.49
C LEU G 53 -6.68 -15.18 3.89
N PHE G 54 -7.61 -14.85 2.99
CA PHE G 54 -8.62 -13.82 3.23
C PHE G 54 -9.91 -14.46 2.75
N GLN G 55 -11.00 -14.21 3.45
CA GLN G 55 -12.24 -14.83 3.11
C GLN G 55 -13.45 -13.99 3.44
N TYR G 56 -14.55 -14.31 2.77
CA TYR G 56 -15.83 -13.66 2.99
C TYR G 56 -16.88 -14.72 2.76
N ALA G 57 -17.92 -14.74 3.58
CA ALA G 57 -19.01 -15.66 3.36
C ALA G 57 -20.23 -14.94 3.86
N SER G 58 -21.36 -15.11 3.16
CA SER G 58 -22.58 -14.41 3.52
C SER G 58 -23.23 -15.06 4.74
N THR G 59 -22.75 -16.26 5.07
CA THR G 59 -23.24 -17.00 6.23
C THR G 59 -21.97 -17.65 6.77
N ASP G 60 -22.10 -18.69 7.59
CA ASP G 60 -20.91 -19.35 8.10
C ASP G 60 -20.22 -20.00 6.89
N MET G 61 -18.91 -19.83 6.76
CA MET G 61 -18.18 -20.41 5.65
C MET G 61 -18.34 -21.93 5.62
N ASP G 62 -18.16 -22.57 6.77
CA ASP G 62 -18.29 -24.03 6.82
C ASP G 62 -19.63 -24.50 6.27
N LYS G 63 -20.69 -23.71 6.49
CA LYS G 63 -22.01 -24.07 6.00
C LYS G 63 -22.05 -24.06 4.48
N VAL G 64 -21.58 -22.96 3.86
CA VAL G 64 -21.60 -22.87 2.40
C VAL G 64 -20.76 -23.99 1.78
N LEU G 65 -19.60 -24.27 2.36
CA LEU G 65 -18.74 -25.33 1.82
C LEU G 65 -19.40 -26.71 1.97
N LEU G 66 -20.17 -26.88 3.04
CA LEU G 66 -20.89 -28.13 3.28
C LEU G 66 -21.92 -28.26 2.18
N LYS G 67 -22.62 -27.17 1.88
CA LYS G 67 -23.63 -27.15 0.83
C LYS G 67 -22.97 -27.49 -0.51
N TYR G 68 -21.79 -26.93 -0.74
CA TYR G 68 -21.06 -27.18 -1.98
C TYR G 68 -20.75 -28.67 -2.11
N THR G 69 -20.06 -29.21 -1.12
CA THR G 69 -19.68 -30.62 -1.11
C THR G 69 -20.87 -31.54 -1.33
N GLU G 70 -21.97 -31.28 -0.62
CA GLU G 70 -23.17 -32.10 -0.73
C GLU G 70 -23.81 -31.98 -2.11
N TYR G 71 -23.77 -30.79 -2.67
CA TYR G 71 -24.34 -30.54 -3.99
C TYR G 71 -23.69 -31.45 -5.02
N ASN G 72 -22.36 -31.54 -4.91
CA ASN G 72 -21.53 -32.32 -5.83
C ASN G 72 -21.62 -33.83 -5.68
N GLY H 1 -25.60 3.45 -12.29
CA GLY H 1 -26.92 3.09 -12.92
C GLY H 1 -27.77 4.35 -13.11
N ARG H 2 -28.96 4.19 -13.68
CA ARG H 2 -29.81 5.35 -13.94
C ARG H 2 -30.16 6.02 -12.62
N LYS H 3 -30.31 5.23 -11.57
CA LYS H 3 -30.61 5.74 -10.24
C LYS H 3 -29.76 4.96 -9.26
N LYS H 4 -29.45 5.58 -8.13
CA LYS H 4 -28.68 4.88 -7.11
C LYS H 4 -29.65 3.92 -6.43
N ILE H 5 -29.19 2.72 -6.08
CA ILE H 5 -30.07 1.81 -5.38
C ILE H 5 -29.54 1.52 -3.99
N GLN H 6 -30.42 1.10 -3.11
CA GLN H 6 -30.00 0.76 -1.77
C GLN H 6 -29.75 -0.73 -1.83
N ILE H 7 -28.87 -1.20 -0.96
CA ILE H 7 -28.51 -2.60 -0.90
C ILE H 7 -29.41 -3.35 0.10
N THR H 8 -30.50 -3.88 -0.46
N THR H 8 -30.49 -3.74 -0.59
CA THR H 8 -31.43 -4.68 0.31
CA THR H 8 -31.68 -4.39 0.03
C THR H 8 -32.08 -5.54 -0.76
C THR H 8 -32.22 -5.49 -0.88
N ARG H 9 -32.66 -6.65 -0.32
CA ARG H 9 -33.27 -7.62 -1.22
C ARG H 9 -34.27 -7.05 -2.24
N ILE H 10 -34.08 -7.41 -3.49
CA ILE H 10 -34.97 -7.00 -4.56
C ILE H 10 -36.19 -7.94 -4.42
N MET H 11 -37.38 -7.37 -4.27
CA MET H 11 -38.56 -8.22 -4.03
C MET H 11 -39.23 -8.89 -5.22
N ASP H 12 -39.03 -8.33 -6.42
CA ASP H 12 -39.57 -8.81 -7.69
C ASP H 12 -38.63 -9.88 -8.32
N GLU H 13 -39.14 -11.06 -8.59
CA GLU H 13 -38.31 -12.12 -9.14
C GLU H 13 -37.63 -11.77 -10.45
N ARG H 14 -38.35 -11.12 -11.37
N ARG H 14 -38.35 -11.09 -11.36
CA ARG H 14 -37.78 -10.77 -12.67
CA ARG H 14 -37.79 -10.77 -12.68
C ARG H 14 -36.59 -9.84 -12.53
C ARG H 14 -36.59 -9.85 -12.51
N ASN H 15 -36.75 -8.76 -11.77
CA ASN H 15 -35.62 -7.82 -11.60
C ASN H 15 -34.51 -8.48 -10.80
N ARG H 16 -34.86 -9.33 -9.85
CA ARG H 16 -33.85 -9.99 -9.04
C ARG H 16 -32.96 -10.90 -9.88
N GLN H 17 -33.59 -11.63 -10.81
CA GLN H 17 -32.89 -12.55 -11.69
C GLN H 17 -32.04 -11.78 -12.71
N VAL H 18 -32.56 -10.70 -13.28
CA VAL H 18 -31.75 -9.93 -14.21
C VAL H 18 -30.54 -9.37 -13.46
N THR H 19 -30.75 -8.81 -12.27
CA THR H 19 -29.65 -8.26 -11.50
C THR H 19 -28.65 -9.34 -11.13
N PHE H 20 -29.12 -10.53 -10.76
CA PHE H 20 -28.25 -11.59 -10.40
C PHE H 20 -27.31 -11.94 -11.56
N THR H 21 -27.88 -12.15 -12.74
CA THR H 21 -27.07 -12.55 -13.89
C THR H 21 -26.02 -11.50 -14.18
N LYS H 22 -26.41 -10.24 -14.19
CA LYS H 22 -25.42 -9.22 -14.53
C LYS H 22 -24.37 -9.01 -13.46
N ARG H 23 -24.78 -8.90 -12.20
CA ARG H 23 -23.80 -8.73 -11.12
C ARG H 23 -22.94 -9.96 -10.88
N LYS H 24 -23.46 -11.15 -11.16
CA LYS H 24 -22.65 -12.36 -11.00
C LYS H 24 -21.52 -12.33 -12.04
N PHE H 25 -21.87 -11.88 -13.25
CA PHE H 25 -20.85 -11.77 -14.30
C PHE H 25 -19.79 -10.75 -13.83
N GLY H 26 -20.27 -9.59 -13.33
CA GLY H 26 -19.34 -8.57 -12.87
C GLY H 26 -18.44 -9.01 -11.73
N LEU H 27 -19.00 -9.82 -10.81
CA LEU H 27 -18.24 -10.27 -9.68
C LEU H 27 -17.18 -11.29 -10.11
N MET H 28 -17.55 -12.20 -11.04
CA MET H 28 -16.58 -13.16 -11.54
C MET H 28 -15.49 -12.47 -12.34
N LYS H 29 -15.86 -11.40 -13.05
CA LYS H 29 -14.86 -10.63 -13.82
CA LYS H 29 -14.83 -10.67 -13.83
C LYS H 29 -13.83 -10.04 -12.85
C LYS H 29 -13.81 -10.02 -12.87
N LYS H 30 -14.30 -9.41 -11.76
N LYS H 30 -14.29 -9.42 -11.75
CA LYS H 30 -13.37 -8.86 -10.79
CA LYS H 30 -13.39 -8.82 -10.76
C LYS H 30 -12.54 -9.92 -10.07
C LYS H 30 -12.54 -9.93 -10.14
N ALA H 31 -13.10 -11.10 -9.83
CA ALA H 31 -12.30 -12.16 -9.18
C ALA H 31 -11.21 -12.63 -10.13
N TYR H 32 -11.59 -12.79 -11.39
CA TYR H 32 -10.63 -13.16 -12.38
C TYR H 32 -9.49 -12.12 -12.46
N GLU H 33 -9.85 -10.84 -12.55
CA GLU H 33 -8.83 -9.80 -12.67
C GLU H 33 -7.92 -9.74 -11.45
N LEU H 34 -8.49 -9.94 -10.25
CA LEU H 34 -7.66 -9.88 -9.06
C LEU H 34 -6.67 -11.04 -9.10
N SER H 35 -7.15 -12.19 -9.52
CA SER H 35 -6.29 -13.38 -9.56
C SER H 35 -5.10 -13.17 -10.48
N VAL H 36 -5.31 -12.52 -11.62
CA VAL H 36 -4.24 -12.29 -12.57
C VAL H 36 -3.34 -11.14 -12.17
N LEU H 37 -3.92 -9.97 -11.88
CA LEU H 37 -3.12 -8.83 -11.51
C LEU H 37 -2.23 -9.04 -10.32
N CYS H 38 -2.75 -9.73 -9.31
CA CYS H 38 -2.04 -9.87 -8.05
C CYS H 38 -1.55 -11.27 -7.73
N ASP H 39 -1.62 -12.16 -8.72
CA ASP H 39 -1.12 -13.53 -8.54
C ASP H 39 -1.62 -14.20 -7.27
C ASP H 39 -1.71 -14.18 -7.35
N CYS H 40 -2.93 -14.24 -7.13
N CYS H 40 -3.04 -14.20 -7.31
CA CYS H 40 -3.51 -14.87 -5.97
CA CYS H 40 -3.78 -14.82 -6.21
C CYS H 40 -4.44 -15.96 -6.46
C CYS H 40 -4.53 -16.04 -6.68
N GLU H 41 -4.71 -16.92 -5.58
N GLU H 41 -4.85 -16.90 -5.72
CA GLU H 41 -5.57 -18.07 -5.87
CA GLU H 41 -5.64 -18.11 -5.96
C GLU H 41 -6.96 -17.77 -5.29
C GLU H 41 -6.99 -17.79 -5.35
N ILE H 42 -7.99 -17.91 -6.09
N ILE H 42 -8.04 -17.84 -6.16
CA ILE H 42 -9.34 -17.55 -5.64
C ILE H 42 -10.41 -18.56 -5.95
N ALA H 43 -11.30 -18.78 -4.99
CA ALA H 43 -12.46 -19.61 -5.23
C ALA H 43 -13.70 -18.78 -4.86
N LEU H 44 -14.72 -18.88 -5.69
CA LEU H 44 -15.97 -18.17 -5.50
C LEU H 44 -17.11 -19.16 -5.71
N ILE H 45 -17.96 -19.35 -4.70
CA ILE H 45 -19.06 -20.28 -4.78
C ILE H 45 -20.32 -19.50 -4.50
N ILE H 46 -21.27 -19.64 -5.40
CA ILE H 46 -22.52 -18.91 -5.28
C ILE H 46 -23.76 -19.80 -5.43
N PHE H 47 -24.68 -19.72 -4.47
CA PHE H 47 -25.93 -20.47 -4.61
C PHE H 47 -26.99 -19.38 -4.78
N ASN H 48 -27.78 -19.44 -5.84
CA ASN H 48 -28.81 -18.41 -6.02
C ASN H 48 -30.03 -18.68 -5.14
N SER H 49 -31.03 -17.80 -5.18
CA SER H 49 -32.21 -17.97 -4.32
C SER H 49 -33.06 -19.19 -4.65
N SER H 50 -32.90 -19.73 -5.86
CA SER H 50 -33.64 -20.93 -6.23
C SER H 50 -32.71 -22.10 -5.91
N ASN H 51 -31.61 -21.77 -5.26
CA ASN H 51 -30.60 -22.73 -4.83
C ASN H 51 -29.71 -23.38 -5.91
N LYS H 52 -29.57 -22.72 -7.06
CA LYS H 52 -28.70 -23.27 -8.11
C LYS H 52 -27.26 -22.81 -7.84
N LEU H 53 -26.30 -23.69 -8.14
CA LEU H 53 -24.90 -23.44 -7.92
C LEU H 53 -24.17 -22.83 -9.11
N PHE H 54 -23.34 -21.84 -8.82
CA PHE H 54 -22.47 -21.19 -9.79
C PHE H 54 -21.12 -21.07 -9.12
N GLN H 55 -20.05 -21.22 -9.86
CA GLN H 55 -18.76 -21.15 -9.26
C GLN H 55 -17.69 -20.66 -10.20
N TYR H 56 -16.63 -20.15 -9.60
CA TYR H 56 -15.47 -19.67 -10.31
C TYR H 56 -14.26 -20.02 -9.47
N ALA H 57 -13.19 -20.47 -10.10
CA ALA H 57 -11.94 -20.70 -9.40
C ALA H 57 -10.82 -20.36 -10.39
N SER H 58 -9.74 -19.77 -9.89
CA SER H 58 -8.60 -19.37 -10.70
C SER H 58 -7.69 -20.57 -11.02
N THR H 59 -7.88 -21.65 -10.28
CA THR H 59 -7.11 -22.87 -10.52
C THR H 59 -8.13 -23.94 -10.26
N ASP H 60 -7.71 -25.19 -10.13
CA ASP H 60 -8.70 -26.23 -9.85
C ASP H 60 -9.32 -25.89 -8.49
N MET H 61 -10.64 -25.95 -8.40
CA MET H 61 -11.33 -25.67 -7.15
C MET H 61 -10.78 -26.56 -6.04
N ASP H 62 -10.43 -27.80 -6.38
CA ASP H 62 -9.92 -28.75 -5.40
C ASP H 62 -8.68 -28.25 -4.71
N LYS H 63 -7.76 -27.69 -5.48
CA LYS H 63 -6.52 -27.16 -4.91
C LYS H 63 -6.81 -26.02 -3.93
N VAL H 64 -7.73 -25.12 -4.28
CA VAL H 64 -8.03 -24.01 -3.38
C VAL H 64 -8.73 -24.45 -2.08
N LEU H 65 -9.75 -25.29 -2.21
CA LEU H 65 -10.48 -25.75 -1.05
C LEU H 65 -9.62 -26.59 -0.11
N LEU H 66 -8.66 -27.33 -0.66
CA LEU H 66 -7.76 -28.13 0.16
C LEU H 66 -6.85 -27.16 0.91
N LYS H 67 -6.37 -26.13 0.20
CA LYS H 67 -5.53 -25.14 0.82
C LYS H 67 -6.27 -24.52 1.99
N TYR H 68 -7.56 -24.27 1.80
CA TYR H 68 -8.38 -23.66 2.84
C TYR H 68 -8.46 -24.55 4.08
N THR H 69 -8.89 -25.79 3.88
CA THR H 69 -9.02 -26.72 4.99
C THR H 69 -7.70 -26.97 5.72
N GLU H 70 -6.61 -27.11 4.97
CA GLU H 70 -5.32 -27.40 5.59
C GLU H 70 -4.67 -26.15 6.18
N TYR H 71 -5.32 -25.00 5.99
CA TYR H 71 -4.77 -23.76 6.47
C TYR H 71 -4.52 -23.75 7.97
#